data_5O69
#
_entry.id   5O69
#
_cell.length_a   83.886
_cell.length_b   83.886
_cell.length_c   67.226
_cell.angle_alpha   90.00
_cell.angle_beta   90.00
_cell.angle_gamma   120.00
#
_symmetry.space_group_name_H-M   'P 31 2 1'
#
loop_
_entity.id
_entity.type
_entity.pdbx_description
1 polymer 'RNA (41-MER)'
2 polymer 'RNA (37-MER)'
3 non-polymer AGMATINE
4 non-polymer 'MAGNESIUM ION'
5 water water
#
loop_
_entity_poly.entity_id
_entity_poly.type
_entity_poly.pdbx_seq_one_letter_code
_entity_poly.pdbx_strand_id
1 'polyribonucleotide' C(CBV)GGACGAGGUGCGCCGUACCCGGUCAGGACAAGACGG(CBV)GC A
2 'polyribonucleotide' C(CBV)GGACGAGGUGCGCCGUACCCGGUCACGACAAGACGG(CBV)GC B
#